data_6QQW
#
_entry.id   6QQW
#
_cell.length_a   74.520
_cell.length_b   77.970
_cell.length_c   86.500
_cell.angle_alpha   90.000
_cell.angle_beta   90.000
_cell.angle_gamma   90.000
#
_symmetry.space_group_name_H-M   'P 21 21 21'
#
loop_
_entity.id
_entity.type
_entity.pdbx_description
1 polymer 'tRNA (guanine-N(1)-)-methyltransferase'
2 non-polymer 3-[1-(phenylmethyl)indol-6-yl]-1~{H}-pyrazol-5-amine
3 non-polymer 'SULFATE ION'
4 water water
#
_entity_poly.entity_id   1
_entity_poly.type   'polypeptide(L)'
_entity_poly.pdbx_seq_one_letter_code
;GSMKIDVVTIFPEYLQPVRQSLPGKAIDAGLVDVAVHDLRRWTHDVHKSVDDSPYGGGPGMVMKPTVWGDALDEICTSET
LLVVPTPAGYPFTQETAWQWSTEDHLVIACGRYEGIDQRVADDAATRMRVREVSIGDYVLNGGEAAALVIIEAVLRLVPG
VLGNALSAQEDSHSEGMASLLEGPSYTRPPSWRGMDVPPVLLSGDHAKIAAWRAEQSRQRTIERRPDLLGFDSPTGEHGG
DGLS
;
_entity_poly.pdbx_strand_id   A,B
#
# COMPACT_ATOMS: atom_id res chain seq x y z
N SER A 2 -10.03 20.80 -5.45
CA SER A 2 -11.32 20.15 -5.66
C SER A 2 -11.16 18.85 -6.44
N MET A 3 -11.32 17.73 -5.75
CA MET A 3 -11.13 16.42 -6.38
C MET A 3 -12.28 15.45 -6.12
N LYS A 4 -12.72 14.78 -7.17
CA LYS A 4 -13.66 13.68 -7.04
C LYS A 4 -12.92 12.36 -7.20
N ILE A 5 -13.13 11.43 -6.27
CA ILE A 5 -12.59 10.09 -6.42
C ILE A 5 -13.72 9.09 -6.40
N ASP A 6 -13.85 8.32 -7.48
CA ASP A 6 -14.79 7.21 -7.53
C ASP A 6 -13.99 5.91 -7.45
N VAL A 7 -14.39 5.01 -6.56
CA VAL A 7 -13.75 3.71 -6.46
C VAL A 7 -14.76 2.62 -6.82
N VAL A 8 -14.34 1.69 -7.69
CA VAL A 8 -15.24 0.61 -8.10
C VAL A 8 -14.68 -0.74 -7.64
N THR A 9 -15.52 -1.51 -6.97
CA THR A 9 -15.02 -2.68 -6.27
C THR A 9 -16.15 -3.68 -5.96
N ILE A 10 -15.84 -4.96 -5.86
CA ILE A 10 -16.86 -5.90 -5.39
C ILE A 10 -16.86 -5.98 -3.86
N PHE A 11 -15.97 -5.24 -3.21
CA PHE A 11 -15.98 -5.16 -1.75
C PHE A 11 -16.04 -3.71 -1.28
N PRO A 12 -17.19 -3.05 -1.48
CA PRO A 12 -17.28 -1.62 -1.15
C PRO A 12 -16.96 -1.32 0.31
N GLU A 13 -17.19 -2.28 1.20
CA GLU A 13 -16.94 -2.03 2.61
C GLU A 13 -15.46 -1.85 2.95
N TYR A 14 -14.58 -2.35 2.07
CA TYR A 14 -13.14 -2.24 2.30
C TYR A 14 -12.72 -0.78 2.33
N LEU A 15 -13.45 0.07 1.62
CA LEU A 15 -13.05 1.46 1.47
C LEU A 15 -13.67 2.35 2.55
N GLN A 16 -14.40 1.75 3.48
CA GLN A 16 -15.01 2.50 4.60
C GLN A 16 -14.02 3.39 5.36
N PRO A 17 -12.80 2.89 5.68
CA PRO A 17 -11.84 3.78 6.36
C PRO A 17 -11.52 5.08 5.61
N VAL A 18 -11.56 5.07 4.29
CA VAL A 18 -11.27 6.29 3.53
C VAL A 18 -12.27 7.38 3.83
N ARG A 19 -13.56 7.08 3.67
CA ARG A 19 -14.60 8.06 3.89
C ARG A 19 -14.62 8.51 5.35
N GLN A 20 -14.14 7.63 6.22
CA GLN A 20 -14.00 7.93 7.65
C GLN A 20 -12.90 8.95 7.90
N SER A 21 -11.75 8.76 7.25
CA SER A 21 -10.58 9.62 7.49
C SER A 21 -10.73 11.02 6.91
N LEU A 22 -11.82 11.30 6.21
CA LEU A 22 -12.05 12.62 5.62
C LEU A 22 -12.70 13.60 6.60
N PRO A 23 -11.99 14.70 6.90
CA PRO A 23 -12.53 15.78 7.76
C PRO A 23 -13.73 16.47 7.12
N GLY A 24 -14.76 16.75 7.92
CA GLY A 24 -15.98 17.34 7.43
C GLY A 24 -15.78 18.67 6.74
N LYS A 25 -14.78 19.43 7.22
CA LYS A 25 -14.52 20.77 6.68
C LYS A 25 -14.10 20.73 5.20
N ALA A 26 -13.30 19.73 4.83
CA ALA A 26 -12.85 19.60 3.45
C ALA A 26 -14.00 19.19 2.52
N ILE A 27 -14.87 18.31 3.02
CA ILE A 27 -16.06 17.91 2.26
C ILE A 27 -17.02 19.08 2.13
N ASP A 28 -17.27 19.75 3.26
CA ASP A 28 -18.16 20.91 3.29
C ASP A 28 -17.66 22.04 2.40
N ALA A 29 -16.33 22.18 2.32
CA ALA A 29 -15.74 23.20 1.45
C ALA A 29 -15.63 22.72 0.00
N GLY A 30 -16.09 21.50 -0.27
CA GLY A 30 -16.08 20.96 -1.62
C GLY A 30 -14.69 20.70 -2.18
N LEU A 31 -13.74 20.43 -1.29
CA LEU A 31 -12.36 20.16 -1.70
C LEU A 31 -12.19 18.72 -2.18
N VAL A 32 -13.04 17.84 -1.68
CA VAL A 32 -12.89 16.43 -1.98
C VAL A 32 -14.20 15.67 -1.81
N ASP A 33 -14.43 14.71 -2.69
CA ASP A 33 -15.56 13.82 -2.59
C ASP A 33 -15.11 12.42 -2.99
N VAL A 34 -15.28 11.46 -2.08
CA VAL A 34 -14.91 10.09 -2.37
C VAL A 34 -16.19 9.27 -2.37
N ALA A 35 -16.41 8.55 -3.48
CA ALA A 35 -17.61 7.74 -3.63
C ALA A 35 -17.20 6.32 -3.95
N VAL A 36 -17.85 5.36 -3.32
CA VAL A 36 -17.52 3.96 -3.55
C VAL A 36 -18.69 3.25 -4.21
N HIS A 37 -18.41 2.49 -5.26
CA HIS A 37 -19.45 1.80 -6.02
C HIS A 37 -19.25 0.30 -6.02
N ASP A 38 -20.32 -0.43 -5.74
CA ASP A 38 -20.33 -1.89 -5.87
C ASP A 38 -20.36 -2.28 -7.34
N LEU A 39 -19.33 -2.99 -7.80
CA LEU A 39 -19.27 -3.40 -9.21
C LEU A 39 -20.50 -4.20 -9.64
N ARG A 40 -21.15 -4.87 -8.70
CA ARG A 40 -22.26 -5.75 -9.07
C ARG A 40 -23.51 -4.99 -9.52
N ARG A 41 -23.53 -3.66 -9.30
CA ARG A 41 -24.56 -2.79 -9.88
C ARG A 41 -24.64 -2.94 -11.40
N TRP A 42 -23.51 -3.27 -12.01
CA TRP A 42 -23.46 -3.33 -13.47
C TRP A 42 -23.44 -4.75 -14.04
N THR A 43 -23.74 -5.75 -13.21
CA THR A 43 -23.82 -7.12 -13.73
C THR A 43 -25.08 -7.33 -14.58
N HIS A 44 -25.04 -8.33 -15.46
CA HIS A 44 -26.12 -8.53 -16.43
C HIS A 44 -27.11 -9.62 -16.07
N ASP A 45 -26.72 -10.49 -15.16
CA ASP A 45 -27.44 -11.74 -14.95
C ASP A 45 -27.94 -11.87 -13.53
N VAL A 46 -28.84 -12.80 -13.32
CA VAL A 46 -29.43 -12.98 -12.01
C VAL A 46 -28.39 -13.47 -10.98
N HIS A 47 -27.30 -14.09 -11.44
CA HIS A 47 -26.27 -14.55 -10.52
C HIS A 47 -25.24 -13.48 -10.22
N LYS A 48 -25.45 -12.28 -10.75
CA LYS A 48 -24.54 -11.16 -10.58
C LYS A 48 -23.07 -11.53 -10.78
N SER A 49 -22.78 -12.13 -11.92
CA SER A 49 -21.44 -12.63 -12.23
C SER A 49 -20.44 -11.54 -12.59
N VAL A 50 -19.28 -11.55 -11.94
CA VAL A 50 -18.25 -10.58 -12.30
C VAL A 50 -16.99 -11.23 -12.84
N ASP A 51 -16.94 -12.56 -12.83
CA ASP A 51 -15.74 -13.25 -13.30
C ASP A 51 -16.07 -14.45 -14.18
N ASP A 52 -15.05 -14.99 -14.84
CA ASP A 52 -15.23 -16.06 -15.84
C ASP A 52 -13.84 -16.68 -16.11
N SER A 53 -13.81 -17.85 -16.73
CA SER A 53 -12.55 -18.57 -16.91
C SER A 53 -11.59 -17.90 -17.89
N PRO A 54 -10.28 -18.00 -17.65
CA PRO A 54 -9.28 -17.35 -18.51
C PRO A 54 -9.10 -18.04 -19.85
N TYR A 55 -9.15 -17.27 -20.94
CA TYR A 55 -8.79 -17.79 -22.25
C TYR A 55 -7.36 -18.27 -22.25
N GLY A 56 -7.11 -19.42 -22.85
CA GLY A 56 -5.77 -19.98 -22.88
C GLY A 56 -5.52 -20.86 -21.68
N GLY A 57 -6.50 -20.93 -20.80
CA GLY A 57 -6.42 -21.78 -19.62
C GLY A 57 -5.58 -21.17 -18.51
N GLY A 58 -5.40 -21.95 -17.46
CA GLY A 58 -4.66 -21.48 -16.31
C GLY A 58 -5.58 -21.39 -15.10
N PRO A 59 -4.99 -21.19 -13.93
CA PRO A 59 -5.75 -21.14 -12.68
C PRO A 59 -6.37 -19.78 -12.46
N GLY A 60 -7.29 -19.70 -11.52
CA GLY A 60 -7.92 -18.45 -11.19
C GLY A 60 -8.93 -18.04 -12.24
N MET A 61 -9.51 -16.87 -12.05
CA MET A 61 -10.57 -16.38 -12.90
C MET A 61 -10.21 -14.98 -13.35
N VAL A 62 -10.89 -14.47 -14.36
CA VAL A 62 -10.63 -13.14 -14.89
C VAL A 62 -11.91 -12.30 -14.81
N MET A 63 -11.81 -11.04 -14.42
CA MET A 63 -13.06 -10.27 -14.32
C MET A 63 -13.59 -9.91 -15.69
N LYS A 64 -14.91 -9.97 -15.83
CA LYS A 64 -15.61 -9.80 -17.12
C LYS A 64 -15.50 -8.41 -17.71
N PRO A 65 -15.15 -8.31 -19.00
CA PRO A 65 -15.06 -6.99 -19.60
C PRO A 65 -16.41 -6.29 -19.77
N THR A 66 -17.47 -7.03 -20.01
CA THR A 66 -18.77 -6.40 -20.26
C THR A 66 -19.26 -5.64 -19.03
N VAL A 67 -19.06 -6.24 -17.86
CA VAL A 67 -19.47 -5.62 -16.60
C VAL A 67 -18.67 -4.35 -16.32
N TRP A 68 -17.35 -4.49 -16.38
CA TRP A 68 -16.44 -3.35 -16.16
C TRP A 68 -16.66 -2.25 -17.19
N GLY A 69 -16.90 -2.64 -18.43
CA GLY A 69 -17.16 -1.66 -19.48
C GLY A 69 -18.36 -0.79 -19.17
N ASP A 70 -19.45 -1.39 -18.71
CA ASP A 70 -20.65 -0.63 -18.36
C ASP A 70 -20.40 0.32 -17.18
N ALA A 71 -19.70 -0.18 -16.16
CA ALA A 71 -19.41 0.63 -14.98
C ALA A 71 -18.56 1.85 -15.31
N LEU A 72 -17.51 1.64 -16.09
CA LEU A 72 -16.62 2.74 -16.42
C LEU A 72 -17.29 3.70 -17.39
N ASP A 73 -18.10 3.17 -18.31
CA ASP A 73 -18.89 4.02 -19.18
C ASP A 73 -19.73 5.00 -18.38
N GLU A 74 -20.34 4.53 -17.30
CA GLU A 74 -21.22 5.36 -16.49
C GLU A 74 -20.43 6.37 -15.66
N ILE A 75 -19.32 5.93 -15.10
CA ILE A 75 -18.62 6.70 -14.08
C ILE A 75 -17.58 7.63 -14.68
N CYS A 76 -16.91 7.19 -15.74
CA CYS A 76 -15.83 8.00 -16.30
C CYS A 76 -16.30 9.03 -17.30
N THR A 77 -15.50 10.09 -17.43
CA THR A 77 -15.64 11.04 -18.53
C THR A 77 -14.30 11.14 -19.23
N SER A 78 -14.23 11.96 -20.28
CA SER A 78 -12.98 12.14 -21.01
C SER A 78 -11.90 12.81 -20.12
N GLU A 79 -12.31 13.44 -19.03
CA GLU A 79 -11.38 14.15 -18.17
C GLU A 79 -10.86 13.26 -17.03
N THR A 80 -11.40 12.05 -16.92
CA THR A 80 -11.05 11.12 -15.87
C THR A 80 -9.63 10.59 -16.01
N LEU A 81 -8.94 10.51 -14.89
CA LEU A 81 -7.73 9.70 -14.80
C LEU A 81 -8.11 8.34 -14.20
N LEU A 82 -8.08 7.29 -15.03
CA LEU A 82 -8.48 5.95 -14.59
C LEU A 82 -7.26 5.22 -14.03
N VAL A 83 -7.34 4.87 -12.74
CA VAL A 83 -6.25 4.24 -12.02
C VAL A 83 -6.58 2.78 -11.83
N VAL A 84 -5.73 1.90 -12.34
CA VAL A 84 -5.98 0.47 -12.21
C VAL A 84 -4.85 -0.23 -11.46
N PRO A 85 -5.06 -0.48 -10.16
CA PRO A 85 -4.02 -1.21 -9.43
C PRO A 85 -3.78 -2.60 -10.02
N THR A 86 -2.52 -3.00 -10.08
CA THR A 86 -2.16 -4.32 -10.59
C THR A 86 -0.72 -4.63 -10.23
N PRO A 87 -0.44 -5.90 -9.92
CA PRO A 87 0.95 -6.24 -9.56
C PRO A 87 1.88 -6.06 -10.75
N ALA A 88 1.31 -5.97 -11.95
CA ALA A 88 2.10 -5.76 -13.17
C ALA A 88 2.13 -4.31 -13.62
N GLY A 89 1.78 -3.38 -12.74
CA GLY A 89 1.69 -2.00 -13.13
C GLY A 89 3.01 -1.25 -13.06
N TYR A 90 3.03 -0.05 -13.61
CA TYR A 90 4.13 0.88 -13.39
C TYR A 90 4.16 1.21 -11.89
N PRO A 91 5.35 1.52 -11.34
CA PRO A 91 5.44 1.84 -9.91
C PRO A 91 4.75 3.14 -9.55
N PHE A 92 3.86 3.05 -8.56
CA PHE A 92 3.30 4.24 -7.94
C PHE A 92 4.30 4.78 -6.93
N THR A 93 4.75 6.02 -7.12
CA THR A 93 5.70 6.64 -6.21
C THR A 93 5.17 7.97 -5.68
N GLN A 94 5.95 8.59 -4.80
CA GLN A 94 5.58 9.92 -4.32
C GLN A 94 5.42 10.90 -5.47
N GLU A 95 6.23 10.73 -6.52
CA GLU A 95 6.15 11.63 -7.65
C GLU A 95 4.79 11.46 -8.32
N THR A 96 4.33 10.22 -8.41
CA THR A 96 3.01 9.94 -8.95
C THR A 96 1.93 10.61 -8.10
N ALA A 97 2.06 10.45 -6.78
CA ALA A 97 1.06 11.00 -5.87
C ALA A 97 0.96 12.51 -6.05
N TRP A 98 2.11 13.18 -6.18
CA TRP A 98 2.13 14.62 -6.41
C TRP A 98 1.40 14.98 -7.69
N GLN A 99 1.70 14.24 -8.77
CA GLN A 99 1.06 14.47 -10.06
C GLN A 99 -0.46 14.29 -9.96
N TRP A 100 -0.90 13.23 -9.31
CA TRP A 100 -2.33 12.94 -9.27
C TRP A 100 -3.09 13.87 -8.33
N SER A 101 -2.38 14.53 -7.43
CA SER A 101 -3.03 15.35 -6.41
C SER A 101 -3.74 16.57 -6.99
N THR A 102 -3.42 16.96 -8.22
CA THR A 102 -4.10 18.10 -8.82
C THR A 102 -5.17 17.68 -9.85
N GLU A 103 -5.44 16.39 -9.93
CA GLU A 103 -6.48 15.90 -10.85
C GLU A 103 -7.89 16.23 -10.37
N ASP A 104 -8.79 16.52 -11.32
CA ASP A 104 -10.18 16.79 -10.97
C ASP A 104 -10.96 15.52 -10.65
N HIS A 105 -10.58 14.41 -11.31
CA HIS A 105 -11.38 13.22 -11.20
C HIS A 105 -10.53 11.96 -11.32
N LEU A 106 -10.37 11.25 -10.22
CA LEU A 106 -9.74 9.94 -10.26
C LEU A 106 -10.79 8.86 -10.16
N VAL A 107 -10.68 7.85 -11.00
CA VAL A 107 -11.51 6.65 -10.87
C VAL A 107 -10.59 5.47 -10.63
N ILE A 108 -10.80 4.77 -9.53
CA ILE A 108 -9.93 3.63 -9.21
C ILE A 108 -10.66 2.33 -9.39
N ALA A 109 -10.20 1.54 -10.35
CA ALA A 109 -10.87 0.28 -10.68
C ALA A 109 -10.18 -0.86 -9.96
N CYS A 110 -10.84 -1.40 -8.93
CA CYS A 110 -10.24 -2.46 -8.12
C CYS A 110 -10.58 -3.85 -8.63
N GLY A 111 -9.55 -4.58 -9.08
CA GLY A 111 -9.72 -5.96 -9.51
C GLY A 111 -9.71 -6.94 -8.35
N ARG A 112 -10.15 -8.16 -8.64
CA ARG A 112 -10.01 -9.30 -7.73
C ARG A 112 -9.67 -10.51 -8.60
N TYR A 113 -9.67 -11.71 -8.02
CA TYR A 113 -9.32 -12.92 -8.77
C TYR A 113 -7.94 -12.73 -9.41
N GLU A 114 -7.81 -13.06 -10.69
CA GLU A 114 -6.54 -12.87 -11.38
C GLU A 114 -6.42 -11.54 -12.12
N GLY A 115 -7.40 -10.66 -11.95
CA GLY A 115 -7.31 -9.35 -12.56
C GLY A 115 -8.45 -9.09 -13.53
N ILE A 116 -8.34 -8.01 -14.28
CA ILE A 116 -9.41 -7.59 -15.20
C ILE A 116 -9.03 -7.88 -16.64
N ASP A 117 -9.99 -8.36 -17.44
CA ASP A 117 -9.79 -8.56 -18.87
C ASP A 117 -9.07 -7.32 -19.43
N GLN A 118 -7.96 -7.53 -20.13
CA GLN A 118 -7.10 -6.40 -20.54
C GLN A 118 -7.82 -5.42 -21.47
N ARG A 119 -8.86 -5.89 -22.16
CA ARG A 119 -9.57 -5.00 -23.09
C ARG A 119 -10.24 -3.83 -22.39
N VAL A 120 -10.55 -4.00 -21.11
CA VAL A 120 -11.21 -2.93 -20.36
C VAL A 120 -10.33 -1.68 -20.32
N ALA A 121 -9.11 -1.85 -19.86
CA ALA A 121 -8.14 -0.75 -19.81
C ALA A 121 -7.80 -0.25 -21.20
N ASP A 122 -7.61 -1.19 -22.13
CA ASP A 122 -7.22 -0.82 -23.50
C ASP A 122 -8.33 0.01 -24.16
N ASP A 123 -9.59 -0.40 -24.01
CA ASP A 123 -10.72 0.37 -24.53
C ASP A 123 -10.78 1.74 -23.86
N ALA A 124 -10.67 1.78 -22.53
CA ALA A 124 -10.73 3.04 -21.80
C ALA A 124 -9.65 4.01 -22.29
N ALA A 125 -8.48 3.47 -22.59
CA ALA A 125 -7.33 4.31 -22.96
C ALA A 125 -7.53 4.99 -24.30
N THR A 126 -8.53 4.56 -25.08
CA THR A 126 -8.81 5.23 -26.34
C THR A 126 -9.63 6.51 -26.15
N ARG A 127 -10.09 6.78 -24.93
CA ARG A 127 -10.83 8.03 -24.74
C ARG A 127 -10.56 8.73 -23.42
N MET A 128 -9.67 8.16 -22.61
CA MET A 128 -9.23 8.83 -21.37
C MET A 128 -7.83 8.39 -20.99
N ARG A 129 -7.23 9.08 -20.03
CA ARG A 129 -5.93 8.69 -19.54
C ARG A 129 -6.07 7.51 -18.60
N VAL A 130 -5.29 6.45 -18.83
CA VAL A 130 -5.35 5.26 -17.99
C VAL A 130 -3.99 4.96 -17.39
N ARG A 131 -3.93 4.62 -16.11
CA ARG A 131 -2.66 4.32 -15.44
C ARG A 131 -2.74 3.00 -14.67
N GLU A 132 -2.10 1.96 -15.19
CA GLU A 132 -1.97 0.70 -14.45
C GLU A 132 -0.77 0.83 -13.50
N VAL A 133 -0.98 0.64 -12.21
CA VAL A 133 0.08 0.93 -11.25
C VAL A 133 0.18 -0.14 -10.17
N SER A 134 1.42 -0.37 -9.74
CA SER A 134 1.72 -1.27 -8.63
C SER A 134 2.14 -0.41 -7.45
N ILE A 135 1.73 -0.78 -6.24
CA ILE A 135 2.20 0.00 -5.07
C ILE A 135 3.42 -0.62 -4.36
N GLY A 136 3.94 -1.72 -4.88
CA GLY A 136 5.15 -2.31 -4.32
C GLY A 136 5.35 -3.72 -4.80
N ASP A 137 6.50 -4.31 -4.49
CA ASP A 137 6.86 -5.61 -5.04
C ASP A 137 6.41 -6.76 -4.16
N TYR A 138 5.10 -6.84 -3.97
CA TYR A 138 4.45 -7.92 -3.26
C TYR A 138 3.09 -8.10 -3.90
N VAL A 139 2.45 -9.22 -3.64
CA VAL A 139 1.19 -9.56 -4.28
C VAL A 139 0.05 -9.49 -3.30
N LEU A 140 -1.00 -8.73 -3.62
CA LEU A 140 -2.19 -8.62 -2.78
C LEU A 140 -3.26 -9.56 -3.32
N ASN A 141 -4.42 -9.63 -2.66
CA ASN A 141 -5.51 -10.44 -3.22
C ASN A 141 -6.38 -9.65 -4.21
N GLY A 142 -6.23 -8.33 -4.20
CA GLY A 142 -7.05 -7.49 -5.07
C GLY A 142 -6.61 -6.05 -4.96
N GLY A 143 -7.30 -5.17 -5.66
CA GLY A 143 -6.88 -3.78 -5.73
C GLY A 143 -7.26 -2.88 -4.57
N GLU A 144 -8.13 -3.37 -3.69
CA GLU A 144 -8.71 -2.52 -2.62
C GLU A 144 -7.66 -1.92 -1.68
N ALA A 145 -6.74 -2.75 -1.17
CA ALA A 145 -5.71 -2.20 -0.26
C ALA A 145 -4.81 -1.20 -1.00
N ALA A 146 -4.58 -1.45 -2.28
CA ALA A 146 -3.80 -0.52 -3.11
C ALA A 146 -4.54 0.79 -3.28
N ALA A 147 -5.85 0.72 -3.46
CA ALA A 147 -6.67 1.92 -3.57
C ALA A 147 -6.58 2.76 -2.30
N LEU A 148 -6.62 2.10 -1.14
CA LEU A 148 -6.49 2.80 0.14
C LEU A 148 -5.17 3.56 0.24
N VAL A 149 -4.09 2.89 -0.14
CA VAL A 149 -2.76 3.49 -0.13
C VAL A 149 -2.67 4.68 -1.08
N ILE A 150 -3.16 4.47 -2.31
CA ILE A 150 -3.13 5.54 -3.31
C ILE A 150 -3.94 6.74 -2.84
N ILE A 151 -5.13 6.47 -2.32
CA ILE A 151 -6.00 7.57 -1.91
C ILE A 151 -5.33 8.35 -0.79
N GLU A 152 -4.78 7.64 0.19
CA GLU A 152 -4.16 8.34 1.30
C GLU A 152 -2.94 9.16 0.84
N ALA A 153 -2.11 8.57 -0.01
CA ALA A 153 -0.85 9.23 -0.40
C ALA A 153 -1.17 10.45 -1.24
N VAL A 154 -2.20 10.35 -2.07
CA VAL A 154 -2.58 11.50 -2.91
C VAL A 154 -3.26 12.59 -2.10
N LEU A 155 -4.29 12.24 -1.33
CA LEU A 155 -5.09 13.25 -0.66
C LEU A 155 -4.35 14.01 0.43
N ARG A 156 -3.31 13.41 1.00
CA ARG A 156 -2.56 14.13 2.00
C ARG A 156 -1.69 15.21 1.35
N LEU A 157 -1.59 15.19 0.02
CA LEU A 157 -0.91 16.26 -0.72
C LEU A 157 -1.89 17.34 -1.21
N VAL A 158 -3.19 17.13 -1.03
CA VAL A 158 -4.17 18.16 -1.39
C VAL A 158 -4.38 19.04 -0.18
N PRO A 159 -4.01 20.32 -0.30
CA PRO A 159 -4.05 21.28 0.81
C PRO A 159 -5.35 21.22 1.62
N GLY A 160 -5.23 20.95 2.91
CA GLY A 160 -6.33 21.00 3.84
C GLY A 160 -7.32 19.84 3.80
N VAL A 161 -7.02 18.81 3.01
CA VAL A 161 -7.95 17.70 2.93
C VAL A 161 -7.81 16.79 4.15
N LEU A 162 -6.64 16.22 4.36
CA LEU A 162 -6.44 15.30 5.47
C LEU A 162 -5.92 16.02 6.71
N SER A 179 17.37 11.31 -3.11
CA SER A 179 16.75 11.53 -1.81
C SER A 179 17.27 10.53 -0.79
N LEU A 180 17.25 10.92 0.49
CA LEU A 180 17.70 10.07 1.56
C LEU A 180 16.56 9.75 2.52
N LEU A 181 16.76 8.74 3.35
CA LEU A 181 15.77 8.36 4.35
C LEU A 181 15.78 9.28 5.55
N GLU A 182 14.62 9.48 6.17
CA GLU A 182 14.55 10.20 7.44
C GLU A 182 15.24 9.42 8.53
N GLY A 183 16.00 10.13 9.39
CA GLY A 183 16.64 9.51 10.53
C GLY A 183 15.71 9.37 11.72
N PRO A 184 16.24 8.92 12.86
CA PRO A 184 15.42 8.67 14.05
C PRO A 184 14.87 9.96 14.65
N SER A 185 13.69 9.88 15.27
CA SER A 185 13.09 11.02 15.97
CA SER A 185 13.15 11.04 15.98
C SER A 185 12.92 10.69 17.46
N TYR A 186 12.93 11.71 18.30
CA TYR A 186 12.85 11.50 19.76
C TYR A 186 11.96 12.57 20.39
N THR A 187 11.28 12.21 21.47
CA THR A 187 10.56 13.22 22.25
C THR A 187 10.69 12.87 23.73
N ARG A 188 9.98 13.58 24.59
CA ARG A 188 10.12 13.33 26.03
C ARG A 188 9.64 11.92 26.40
N PRO A 189 10.21 11.34 27.45
CA PRO A 189 11.22 11.93 28.34
C PRO A 189 12.67 11.80 27.81
N PRO A 190 13.59 12.61 28.34
CA PRO A 190 14.98 12.59 27.84
C PRO A 190 15.68 11.27 28.12
N SER A 191 15.22 10.56 29.15
CA SER A 191 15.74 9.24 29.45
CA SER A 191 15.75 9.24 29.46
C SER A 191 14.59 8.26 29.65
N TRP A 192 14.68 7.10 28.99
CA TRP A 192 13.61 6.11 29.03
C TRP A 192 14.17 4.71 28.86
N ARG A 193 13.85 3.83 29.80
CA ARG A 193 14.34 2.46 29.83
C ARG A 193 15.84 2.36 29.52
N GLY A 194 16.62 3.24 30.12
CA GLY A 194 18.06 3.19 29.99
C GLY A 194 18.60 3.79 28.72
N MET A 195 17.73 4.43 27.94
CA MET A 195 18.15 5.01 26.67
C MET A 195 17.94 6.52 26.67
N ASP A 196 19.04 7.25 26.52
CA ASP A 196 19.01 8.70 26.49
C ASP A 196 18.79 9.23 25.08
N VAL A 197 18.03 10.30 24.98
CA VAL A 197 17.95 11.05 23.73
C VAL A 197 19.36 11.56 23.41
N PRO A 198 19.81 11.42 22.16
CA PRO A 198 21.15 11.92 21.81
C PRO A 198 21.37 13.36 22.25
N PRO A 199 22.39 13.59 23.11
CA PRO A 199 22.66 14.90 23.71
C PRO A 199 22.75 16.02 22.70
N VAL A 200 23.19 15.74 21.49
CA VAL A 200 23.31 16.80 20.49
C VAL A 200 21.95 17.50 20.29
N LEU A 201 20.87 16.72 20.38
CA LEU A 201 19.53 17.26 20.11
C LEU A 201 19.10 18.28 21.16
N LEU A 202 19.71 18.20 22.33
CA LEU A 202 19.38 19.16 23.38
C LEU A 202 20.44 20.25 23.53
N SER A 203 21.33 20.36 22.56
CA SER A 203 22.52 21.22 22.68
C SER A 203 22.27 22.70 22.37
N GLY A 204 21.21 23.00 21.63
CA GLY A 204 21.00 24.36 21.19
C GLY A 204 21.97 24.80 20.10
N ASP A 205 22.72 23.85 19.54
CA ASP A 205 23.59 24.15 18.41
C ASP A 205 22.89 23.64 17.16
N HIS A 206 22.12 24.50 16.51
CA HIS A 206 21.22 24.01 15.48
C HIS A 206 21.94 23.68 14.17
N ALA A 207 23.11 24.27 13.92
CA ALA A 207 23.91 23.85 12.78
C ALA A 207 24.41 22.43 13.00
N LYS A 208 24.89 22.17 14.20
CA LYS A 208 25.39 20.84 14.55
C LYS A 208 24.28 19.78 14.51
N ILE A 209 23.12 20.14 15.03
CA ILE A 209 21.96 19.23 14.99
C ILE A 209 21.63 18.86 13.55
N ALA A 210 21.61 19.85 12.66
CA ALA A 210 21.29 19.59 11.26
C ALA A 210 22.31 18.66 10.65
N ALA A 211 23.58 18.84 11.00
CA ALA A 211 24.62 17.97 10.45
C ALA A 211 24.51 16.55 11.01
N TRP A 212 24.19 16.46 12.29
CA TRP A 212 24.00 15.15 12.92
C TRP A 212 22.84 14.41 12.26
N ARG A 213 21.74 15.12 12.03
CA ARG A 213 20.58 14.52 11.37
C ARG A 213 20.91 14.07 9.94
N ALA A 214 21.67 14.91 9.23
CA ALA A 214 22.10 14.57 7.87
C ALA A 214 22.93 13.29 7.85
N GLU A 215 23.84 13.16 8.81
CA GLU A 215 24.67 11.97 8.90
C GLU A 215 23.85 10.73 9.29
N GLN A 216 22.89 10.89 10.19
CA GLN A 216 21.99 9.79 10.54
C GLN A 216 21.25 9.31 9.31
N SER A 217 20.78 10.27 8.52
CA SER A 217 20.06 9.95 7.28
CA SER A 217 20.05 9.94 7.28
C SER A 217 20.94 9.19 6.30
N ARG A 218 22.18 9.65 6.14
CA ARG A 218 23.10 8.96 5.23
C ARG A 218 23.34 7.54 5.70
N GLN A 219 23.62 7.35 7.00
CA GLN A 219 23.88 6.00 7.51
C GLN A 219 22.68 5.08 7.31
N ARG A 220 21.50 5.57 7.66
CA ARG A 220 20.29 4.75 7.53
C ARG A 220 20.02 4.38 6.08
N THR A 221 20.29 5.31 5.17
CA THR A 221 20.07 5.03 3.76
C THR A 221 21.06 3.95 3.28
N ILE A 222 22.32 4.09 3.68
CA ILE A 222 23.34 3.08 3.33
C ILE A 222 22.92 1.70 3.81
N GLU A 223 22.48 1.62 5.05
CA GLU A 223 22.10 0.35 5.67
C GLU A 223 20.81 -0.25 5.12
N ARG A 224 19.80 0.59 4.89
CA ARG A 224 18.46 0.07 4.59
C ARG A 224 18.07 0.14 3.12
N ARG A 225 18.58 1.15 2.41
CA ARG A 225 18.19 1.41 1.05
C ARG A 225 19.39 1.79 0.19
N PRO A 226 20.39 0.89 0.06
CA PRO A 226 21.57 1.21 -0.76
C PRO A 226 21.19 1.54 -2.20
N ASP A 227 20.02 1.08 -2.63
CA ASP A 227 19.53 1.35 -3.97
C ASP A 227 19.31 2.84 -4.23
N LEU A 228 19.15 3.62 -3.17
CA LEU A 228 18.91 5.05 -3.33
C LEU A 228 20.21 5.81 -3.53
N LEU A 229 21.32 5.09 -3.40
CA LEU A 229 22.65 5.69 -3.49
C LEU A 229 23.39 5.21 -4.74
N SER B 2 -0.91 -21.95 12.10
CA SER B 2 -1.59 -21.03 13.01
C SER B 2 -0.79 -19.73 13.17
N MET B 3 -1.46 -18.59 12.97
CA MET B 3 -0.81 -17.30 13.16
C MET B 3 -1.70 -16.33 13.93
N LYS B 4 -1.09 -15.58 14.84
CA LYS B 4 -1.80 -14.51 15.55
C LYS B 4 -1.23 -13.18 15.13
N ILE B 5 -2.10 -12.23 14.77
CA ILE B 5 -1.65 -10.87 14.46
C ILE B 5 -2.32 -9.86 15.38
N ASP B 6 -1.50 -9.09 16.10
CA ASP B 6 -2.01 -7.96 16.85
C ASP B 6 -1.63 -6.66 16.15
N VAL B 7 -2.60 -5.77 15.99
CA VAL B 7 -2.32 -4.46 15.42
C VAL B 7 -2.58 -3.41 16.49
N VAL B 8 -1.62 -2.51 16.68
CA VAL B 8 -1.76 -1.45 17.68
C VAL B 8 -1.79 -0.08 16.99
N THR B 9 -2.79 0.74 17.34
CA THR B 9 -3.07 1.95 16.58
C THR B 9 -3.90 2.92 17.43
N ILE B 10 -3.79 4.22 17.15
CA ILE B 10 -4.71 5.16 17.77
C ILE B 10 -5.98 5.32 16.91
N PHE B 11 -6.06 4.59 15.80
CA PHE B 11 -7.26 4.59 14.96
C PHE B 11 -7.75 3.17 14.66
N PRO B 12 -8.25 2.46 15.69
CA PRO B 12 -8.66 1.07 15.51
C PRO B 12 -9.74 0.88 14.43
N GLU B 13 -10.58 1.89 14.21
CA GLU B 13 -11.64 1.76 13.20
C GLU B 13 -11.12 1.60 11.77
N TYR B 14 -9.94 2.17 11.48
CA TYR B 14 -9.35 2.04 10.16
C TYR B 14 -9.02 0.57 9.84
N LEU B 15 -8.81 -0.25 10.86
CA LEU B 15 -8.36 -1.62 10.63
C LEU B 15 -9.49 -2.61 10.33
N GLN B 16 -10.73 -2.12 10.36
CA GLN B 16 -11.89 -3.00 10.16
C GLN B 16 -12.02 -3.72 8.80
N PRO B 17 -11.35 -3.25 7.73
CA PRO B 17 -11.37 -4.08 6.51
C PRO B 17 -10.80 -5.51 6.66
N VAL B 18 -10.24 -5.86 7.81
CA VAL B 18 -9.87 -7.25 8.09
C VAL B 18 -11.08 -8.06 8.57
N GLY B 30 -9.93 -19.71 10.73
CA GLY B 30 -9.57 -20.22 12.05
C GLY B 30 -8.10 -20.59 12.19
N LEU B 31 -7.36 -20.52 11.07
CA LEU B 31 -5.94 -20.80 11.09
C LEU B 31 -5.17 -19.53 11.43
N VAL B 32 -5.90 -18.42 11.52
CA VAL B 32 -5.30 -17.13 11.85
C VAL B 32 -6.28 -16.25 12.62
N ASP B 33 -5.80 -15.61 13.68
CA ASP B 33 -6.60 -14.67 14.45
C ASP B 33 -5.96 -13.29 14.37
N VAL B 34 -6.77 -12.28 14.12
CA VAL B 34 -6.29 -10.90 14.06
C VAL B 34 -7.00 -10.04 15.08
N ALA B 35 -6.24 -9.31 15.88
CA ALA B 35 -6.79 -8.47 16.92
C ALA B 35 -6.27 -7.06 16.78
N VAL B 36 -7.14 -6.08 17.00
CA VAL B 36 -6.77 -4.68 16.88
C VAL B 36 -6.88 -4.01 18.25
N HIS B 37 -5.85 -3.29 18.63
CA HIS B 37 -5.80 -2.65 19.93
C HIS B 37 -5.65 -1.15 19.82
N ASP B 38 -6.45 -0.44 20.61
CA ASP B 38 -6.38 1.00 20.73
C ASP B 38 -5.22 1.38 21.65
N LEU B 39 -4.21 2.06 21.10
CA LEU B 39 -3.03 2.44 21.88
C LEU B 39 -3.43 3.24 23.13
N ARG B 40 -4.51 4.03 23.02
CA ARG B 40 -4.90 4.93 24.10
C ARG B 40 -5.37 4.18 25.35
N ARG B 41 -5.63 2.88 25.22
CA ARG B 41 -5.96 2.06 26.39
C ARG B 41 -4.81 2.04 27.40
N TRP B 42 -3.58 2.32 26.96
CA TRP B 42 -2.42 2.25 27.83
C TRP B 42 -1.93 3.60 28.34
N THR B 43 -2.70 4.67 28.11
CA THR B 43 -2.30 5.98 28.59
C THR B 43 -2.60 6.15 30.08
N SER B 49 -2.44 11.92 26.26
CA SER B 49 -1.96 12.35 24.95
C SER B 49 -0.72 11.56 24.56
N VAL B 50 -0.72 11.04 23.34
CA VAL B 50 0.30 10.09 22.94
C VAL B 50 1.51 10.70 22.24
N ASP B 51 1.48 12.01 22.04
CA ASP B 51 2.47 12.70 21.20
C ASP B 51 3.06 13.95 21.85
N ASP B 52 4.25 14.34 21.39
CA ASP B 52 4.89 15.55 21.90
C ASP B 52 5.83 16.10 20.82
N SER B 53 6.32 17.33 21.01
CA SER B 53 7.23 17.94 20.05
CA SER B 53 7.23 17.95 20.06
C SER B 53 8.58 17.25 19.99
N PRO B 54 9.22 17.24 18.80
CA PRO B 54 10.51 16.55 18.65
C PRO B 54 11.69 17.24 19.34
N TYR B 55 12.52 16.46 20.02
CA TYR B 55 13.78 16.98 20.50
C TYR B 55 14.60 17.39 19.30
N GLY B 56 15.27 18.54 19.40
CA GLY B 56 16.12 19.02 18.33
C GLY B 56 15.37 19.89 17.33
N GLY B 57 14.06 19.99 17.50
CA GLY B 57 13.24 20.82 16.62
C GLY B 57 12.68 20.12 15.39
N GLY B 58 11.84 20.83 14.66
CA GLY B 58 11.24 20.27 13.46
C GLY B 58 9.74 20.38 13.52
N PRO B 59 9.08 20.23 12.37
CA PRO B 59 7.62 20.30 12.30
C PRO B 59 6.99 19.02 12.83
N GLY B 60 5.75 19.12 13.28
CA GLY B 60 5.00 17.94 13.65
C GLY B 60 5.31 17.42 15.04
N MET B 61 4.75 16.26 15.35
CA MET B 61 4.85 15.68 16.67
C MET B 61 5.40 14.27 16.55
N VAL B 62 5.89 13.75 17.67
CA VAL B 62 6.43 12.39 17.72
C VAL B 62 5.64 11.61 18.76
N MET B 63 5.38 10.35 18.50
CA MET B 63 4.67 9.58 19.51
C MET B 63 5.62 9.22 20.66
N LYS B 64 5.13 9.45 21.88
CA LYS B 64 5.87 9.21 23.10
C LYS B 64 6.19 7.72 23.28
N PRO B 65 7.41 7.41 23.73
CA PRO B 65 7.78 6.01 23.90
C PRO B 65 7.04 5.34 25.05
N THR B 66 6.67 6.13 26.06
CA THR B 66 6.11 5.57 27.30
C THR B 66 4.87 4.72 27.05
N VAL B 67 3.87 5.31 26.39
CA VAL B 67 2.63 4.59 26.10
C VAL B 67 2.88 3.34 25.24
N TRP B 68 3.73 3.48 24.24
CA TRP B 68 4.08 2.33 23.39
C TRP B 68 4.74 1.20 24.18
N GLY B 69 5.67 1.56 25.06
CA GLY B 69 6.38 0.57 25.86
C GLY B 69 5.43 -0.28 26.68
N ASP B 70 4.46 0.37 27.30
CA ASP B 70 3.48 -0.35 28.12
C ASP B 70 2.60 -1.25 27.26
N ALA B 71 2.17 -0.76 26.09
CA ALA B 71 1.36 -1.58 25.19
C ALA B 71 2.11 -2.82 24.73
N LEU B 72 3.33 -2.63 24.26
CA LEU B 72 4.08 -3.74 23.70
C LEU B 72 4.48 -4.71 24.81
N ASP B 73 4.74 -4.19 26.01
CA ASP B 73 5.04 -5.05 27.16
C ASP B 73 3.94 -6.08 27.36
N GLU B 74 2.69 -5.65 27.21
CA GLU B 74 1.54 -6.51 27.47
C GLU B 74 1.27 -7.47 26.30
N ILE B 75 1.52 -7.00 25.09
CA ILE B 75 1.15 -7.72 23.89
C ILE B 75 2.25 -8.66 23.37
N CYS B 76 3.50 -8.24 23.47
CA CYS B 76 4.59 -9.00 22.85
C CYS B 76 5.23 -10.02 23.78
N THR B 77 5.76 -11.09 23.19
CA THR B 77 6.65 -12.00 23.90
C THR B 77 7.99 -11.99 23.19
N SER B 78 8.95 -12.73 23.72
CA SER B 78 10.26 -12.84 23.07
C SER B 78 10.19 -13.53 21.71
N GLU B 79 9.09 -14.22 21.44
CA GLU B 79 8.90 -14.94 20.18
C GLU B 79 8.25 -14.03 19.12
N THR B 80 7.73 -12.90 19.55
CA THR B 80 7.02 -11.96 18.68
C THR B 80 7.92 -11.38 17.59
N LEU B 81 7.40 -11.29 16.37
CA LEU B 81 8.04 -10.45 15.36
C LEU B 81 7.33 -9.10 15.35
N LEU B 82 8.04 -8.07 15.81
CA LEU B 82 7.46 -6.74 15.87
C LEU B 82 7.68 -6.01 14.55
N VAL B 83 6.57 -5.62 13.91
CA VAL B 83 6.60 -4.99 12.59
C VAL B 83 6.23 -3.52 12.74
N VAL B 84 7.10 -2.62 12.27
CA VAL B 84 6.86 -1.20 12.41
C VAL B 84 6.91 -0.54 11.05
N PRO B 85 5.74 -0.29 10.43
CA PRO B 85 5.75 0.46 9.17
C PRO B 85 6.35 1.86 9.34
N THR B 86 7.13 2.29 8.35
CA THR B 86 7.77 3.59 8.35
C THR B 86 8.35 3.87 6.97
N PRO B 87 8.28 5.13 6.51
CA PRO B 87 8.87 5.41 5.19
C PRO B 87 10.37 5.16 5.13
N ALA B 88 11.00 5.12 6.29
CA ALA B 88 12.44 4.91 6.40
C ALA B 88 12.79 3.46 6.65
N GLY B 89 11.84 2.56 6.38
CA GLY B 89 12.06 1.15 6.68
C GLY B 89 12.83 0.40 5.62
N TYR B 90 13.31 -0.81 5.96
CA TYR B 90 13.77 -1.76 4.94
C TYR B 90 12.57 -2.09 4.05
N PRO B 91 12.79 -2.36 2.75
CA PRO B 91 11.65 -2.69 1.86
C PRO B 91 10.94 -3.97 2.28
N PHE B 92 9.61 -3.89 2.37
CA PHE B 92 8.76 -5.07 2.48
C PHE B 92 8.48 -5.54 1.05
N THR B 93 8.93 -6.76 0.74
CA THR B 93 8.76 -7.36 -0.57
C THR B 93 8.07 -8.73 -0.47
N GLN B 94 7.87 -9.39 -1.62
CA GLN B 94 7.21 -10.70 -1.63
C GLN B 94 8.05 -11.70 -0.83
N GLU B 95 9.36 -11.54 -0.90
CA GLU B 95 10.26 -12.38 -0.13
C GLU B 95 9.99 -12.18 1.36
N THR B 96 9.84 -10.93 1.79
CA THR B 96 9.45 -10.67 3.18
C THR B 96 8.12 -11.33 3.52
N ALA B 97 7.16 -11.24 2.60
CA ALA B 97 5.85 -11.83 2.88
C ALA B 97 5.98 -13.35 3.10
N TRP B 98 6.75 -14.03 2.25
CA TRP B 98 7.01 -15.45 2.43
C TRP B 98 7.69 -15.74 3.77
N GLN B 99 8.67 -14.90 4.11
CA GLN B 99 9.38 -15.11 5.37
C GLN B 99 8.44 -15.00 6.56
N TRP B 100 7.56 -14.02 6.53
CA TRP B 100 6.70 -13.77 7.69
C TRP B 100 5.50 -14.73 7.73
N SER B 101 5.23 -15.39 6.61
CA SER B 101 4.06 -16.27 6.51
C SER B 101 4.13 -17.49 7.45
N THR B 102 5.33 -17.82 7.92
CA THR B 102 5.44 -18.95 8.83
C THR B 102 5.67 -18.53 10.29
N GLU B 103 5.44 -17.25 10.60
CA GLU B 103 5.59 -16.76 11.97
C GLU B 103 4.38 -17.09 12.83
N ASP B 104 4.62 -17.33 14.11
CA ASP B 104 3.54 -17.60 15.07
C ASP B 104 2.82 -16.31 15.47
N HIS B 105 3.55 -15.22 15.58
CA HIS B 105 2.99 -14.01 16.17
C HIS B 105 3.58 -12.74 15.55
N LEU B 106 2.77 -12.03 14.77
CA LEU B 106 3.14 -10.71 14.30
C LEU B 106 2.46 -9.63 15.14
N VAL B 107 3.21 -8.63 15.54
CA VAL B 107 2.59 -7.46 16.14
C VAL B 107 2.94 -6.25 15.28
N ILE B 108 1.93 -5.53 14.81
CA ILE B 108 2.19 -4.40 13.92
C ILE B 108 1.90 -3.11 14.66
N ALA B 109 2.96 -2.34 14.89
CA ALA B 109 2.83 -1.06 15.60
C ALA B 109 2.64 0.07 14.59
N CYS B 110 1.42 0.63 14.55
CA CYS B 110 1.09 1.68 13.58
C CYS B 110 1.33 3.05 14.18
N GLY B 111 2.23 3.80 13.57
CA GLY B 111 2.46 5.16 14.05
C GLY B 111 1.53 6.15 13.36
N ARG B 112 1.48 7.35 13.93
CA ARG B 112 0.79 8.48 13.35
C ARG B 112 1.67 9.71 13.57
N TYR B 113 1.14 10.91 13.34
CA TYR B 113 1.94 12.14 13.45
C TYR B 113 3.22 12.00 12.59
N GLU B 114 4.38 12.34 13.14
CA GLU B 114 5.62 12.20 12.38
C GLU B 114 6.35 10.91 12.72
N GLY B 115 5.66 9.98 13.36
CA GLY B 115 6.27 8.68 13.66
C GLY B 115 6.46 8.45 15.14
N ILE B 116 7.14 7.36 15.46
CA ILE B 116 7.30 6.91 16.84
C ILE B 116 8.72 7.17 17.32
N ASP B 117 8.87 7.62 18.57
CA ASP B 117 10.18 7.72 19.22
C ASP B 117 11.04 6.48 18.93
N GLN B 118 12.25 6.69 18.40
CA GLN B 118 13.11 5.57 17.97
C GLN B 118 13.40 4.59 19.09
N ARG B 119 13.31 5.04 20.32
CA ARG B 119 13.65 4.16 21.44
C ARG B 119 12.66 3.04 21.62
N VAL B 120 11.44 3.19 21.10
CA VAL B 120 10.46 2.12 21.21
C VAL B 120 10.98 0.87 20.48
N ALA B 121 11.41 1.05 19.24
CA ALA B 121 11.93 -0.07 18.48
C ALA B 121 13.25 -0.56 19.10
N ASP B 122 14.09 0.36 19.57
CA ASP B 122 15.38 -0.03 20.14
C ASP B 122 15.20 -0.84 21.42
N ASP B 123 14.28 -0.41 22.28
CA ASP B 123 13.97 -1.17 23.49
C ASP B 123 13.40 -2.54 23.15
N ALA B 124 12.50 -2.58 22.18
CA ALA B 124 11.87 -3.85 21.82
C ALA B 124 12.90 -4.84 21.32
N ALA B 125 13.88 -4.34 20.59
CA ALA B 125 14.89 -5.19 19.97
C ALA B 125 15.80 -5.90 21.00
N THR B 126 15.79 -5.43 22.24
CA THR B 126 16.54 -6.11 23.30
C THR B 126 15.80 -7.35 23.78
N ARG B 127 14.54 -7.49 23.39
CA ARG B 127 13.69 -8.58 23.89
C ARG B 127 13.11 -9.46 22.77
N MET B 128 13.02 -8.91 21.57
CA MET B 128 12.39 -9.63 20.46
C MET B 128 12.97 -9.17 19.13
N ARG B 129 12.61 -9.85 18.05
CA ARG B 129 13.03 -9.42 16.72
C ARG B 129 12.15 -8.27 16.25
N VAL B 130 12.77 -7.23 15.69
CA VAL B 130 12.04 -6.04 15.25
C VAL B 130 12.34 -5.79 13.78
N ARG B 131 11.29 -5.47 13.02
CA ARG B 131 11.44 -5.12 11.62
C ARG B 131 10.79 -3.79 11.25
N GLU B 132 11.61 -2.77 11.04
CA GLU B 132 11.11 -1.51 10.49
CA GLU B 132 11.07 -1.53 10.51
C GLU B 132 11.02 -1.65 8.99
N VAL B 133 9.84 -1.49 8.42
CA VAL B 133 9.64 -1.71 6.99
C VAL B 133 8.83 -0.66 6.26
N SER B 134 9.20 -0.47 5.01
CA SER B 134 8.49 0.42 4.11
C SER B 134 7.73 -0.41 3.10
N ILE B 135 6.49 -0.03 2.78
CA ILE B 135 5.75 -0.79 1.76
C ILE B 135 5.88 -0.18 0.37
N GLY B 136 6.61 0.93 0.27
CA GLY B 136 6.78 1.56 -1.03
C GLY B 136 7.24 3.00 -0.91
N ASP B 137 7.75 3.57 -1.99
CA ASP B 137 8.35 4.90 -1.92
C ASP B 137 7.32 6.01 -2.14
N TYR B 138 6.40 6.09 -1.20
CA TYR B 138 5.40 7.14 -1.14
C TYR B 138 5.13 7.32 0.35
N VAL B 139 4.52 8.44 0.72
CA VAL B 139 4.29 8.73 2.14
C VAL B 139 2.84 8.63 2.54
N LEU B 140 2.57 7.81 3.55
CA LEU B 140 1.23 7.71 4.11
C LEU B 140 1.06 8.70 5.28
N ASN B 141 -0.16 8.81 5.82
CA ASN B 141 -0.34 9.64 7.01
C ASN B 141 -0.10 8.83 8.29
N GLY B 142 0.03 7.51 8.15
CA GLY B 142 0.26 6.67 9.32
C GLY B 142 0.45 5.23 8.92
N GLY B 143 0.61 4.34 9.91
CA GLY B 143 0.96 2.95 9.64
C GLY B 143 -0.22 2.05 9.28
N GLU B 144 -1.44 2.55 9.47
CA GLU B 144 -2.61 1.68 9.35
C GLU B 144 -2.80 1.08 7.96
N ALA B 145 -2.71 1.90 6.92
CA ALA B 145 -2.87 1.38 5.55
C ALA B 145 -1.74 0.40 5.22
N ALA B 146 -0.55 0.68 5.71
CA ALA B 146 0.58 -0.25 5.52
C ALA B 146 0.35 -1.58 6.25
N ALA B 147 -0.22 -1.51 7.46
CA ALA B 147 -0.62 -2.74 8.15
C ALA B 147 -1.60 -3.56 7.33
N LEU B 148 -2.59 -2.91 6.70
CA LEU B 148 -3.57 -3.65 5.92
C LEU B 148 -2.89 -4.35 4.75
N VAL B 149 -1.96 -3.66 4.10
CA VAL B 149 -1.20 -4.22 2.99
C VAL B 149 -0.37 -5.43 3.42
N ILE B 150 0.36 -5.26 4.54
CA ILE B 150 1.23 -6.32 5.03
C ILE B 150 0.40 -7.54 5.40
N ILE B 151 -0.70 -7.31 6.12
CA ILE B 151 -1.55 -8.42 6.53
C ILE B 151 -2.10 -9.19 5.34
N GLU B 152 -2.56 -8.48 4.33
CA GLU B 152 -3.07 -9.17 3.15
C GLU B 152 -1.99 -9.93 2.40
N ALA B 153 -0.81 -9.34 2.24
CA ALA B 153 0.24 -10.00 1.47
C ALA B 153 0.76 -11.23 2.21
N VAL B 154 0.76 -11.16 3.54
CA VAL B 154 1.27 -12.27 4.32
C VAL B 154 0.24 -13.40 4.40
N LEU B 155 -1.01 -13.06 4.70
CA LEU B 155 -2.01 -14.08 4.99
C LEU B 155 -2.38 -14.93 3.79
N ARG B 156 -2.25 -14.39 2.59
CA ARG B 156 -2.58 -15.17 1.41
C ARG B 156 -1.52 -16.25 1.12
N LEU B 157 -0.40 -16.18 1.86
CA LEU B 157 0.66 -17.17 1.75
C LEU B 157 0.63 -18.22 2.86
N VAL B 158 -0.20 -18.02 3.88
CA VAL B 158 -0.15 -18.88 5.06
C VAL B 158 -0.60 -20.29 4.71
N PRO B 159 0.22 -21.30 5.07
CA PRO B 159 -0.07 -22.71 4.76
C PRO B 159 -1.54 -23.05 4.99
N GLY B 160 -2.28 -23.21 3.90
CA GLY B 160 -3.73 -23.31 3.96
C GLY B 160 -4.37 -21.94 3.81
N SER B 179 10.72 -11.36 -9.85
CA SER B 179 10.58 -12.32 -10.93
C SER B 179 10.29 -11.59 -12.25
N LEU B 180 9.15 -11.89 -12.85
CA LEU B 180 8.68 -11.19 -14.05
C LEU B 180 7.25 -10.71 -13.84
N LEU B 181 6.80 -9.74 -14.63
CA LEU B 181 5.43 -9.23 -14.49
C LEU B 181 4.42 -10.13 -15.15
N GLU B 182 3.23 -10.18 -14.57
CA GLU B 182 2.10 -10.90 -15.18
C GLU B 182 1.69 -10.22 -16.48
N GLY B 183 1.45 -11.02 -17.50
CA GLY B 183 0.99 -10.51 -18.78
C GLY B 183 -0.50 -10.32 -18.74
N PRO B 184 -1.09 -9.90 -19.86
CA PRO B 184 -2.53 -9.63 -19.88
C PRO B 184 -3.37 -10.90 -19.82
N SER B 185 -4.58 -10.79 -19.27
CA SER B 185 -5.53 -11.91 -19.18
CA SER B 185 -5.50 -11.92 -19.24
C SER B 185 -6.83 -11.53 -19.89
N TYR B 186 -7.56 -12.52 -20.36
CA TYR B 186 -8.81 -12.32 -21.09
C TYR B 186 -9.83 -13.37 -20.74
N THR B 187 -11.11 -13.02 -20.91
CA THR B 187 -12.19 -14.00 -20.77
C THR B 187 -13.31 -13.64 -21.77
N ARG B 188 -14.43 -14.34 -21.69
CA ARG B 188 -15.47 -14.21 -22.71
C ARG B 188 -16.13 -12.82 -22.67
N PRO B 189 -16.63 -12.32 -23.82
CA PRO B 189 -16.66 -12.91 -25.17
C PRO B 189 -15.34 -12.74 -25.93
N PRO B 190 -15.11 -13.57 -26.97
CA PRO B 190 -13.83 -13.52 -27.69
C PRO B 190 -13.67 -12.24 -28.51
N SER B 191 -14.79 -11.59 -28.83
CA SER B 191 -14.77 -10.27 -29.44
CA SER B 191 -14.77 -10.27 -29.44
C SER B 191 -15.64 -9.33 -28.61
N TRP B 192 -15.11 -8.15 -28.27
CA TRP B 192 -15.83 -7.19 -27.44
C TRP B 192 -15.51 -5.76 -27.85
N ARG B 193 -16.54 -5.01 -28.24
CA ARG B 193 -16.35 -3.64 -28.75
C ARG B 193 -15.37 -3.61 -29.90
N GLY B 194 -15.37 -4.67 -30.71
CA GLY B 194 -14.45 -4.77 -31.84
C GLY B 194 -13.01 -5.07 -31.43
N MET B 195 -12.81 -5.46 -30.18
CA MET B 195 -11.49 -5.84 -29.69
C MET B 195 -11.44 -7.35 -29.49
N ASP B 196 -10.54 -8.01 -30.20
CA ASP B 196 -10.45 -9.47 -30.18
C ASP B 196 -9.46 -9.99 -29.14
N VAL B 197 -9.82 -11.09 -28.49
CA VAL B 197 -8.86 -11.84 -27.69
C VAL B 197 -7.77 -12.34 -28.65
N PRO B 198 -6.48 -12.21 -28.27
CA PRO B 198 -5.38 -12.72 -29.09
C PRO B 198 -5.68 -14.16 -29.54
N PRO B 199 -5.69 -14.39 -30.86
CA PRO B 199 -6.14 -15.67 -31.41
C PRO B 199 -5.39 -16.87 -30.84
N VAL B 200 -4.13 -16.68 -30.45
CA VAL B 200 -3.35 -17.79 -29.90
C VAL B 200 -4.04 -18.37 -28.67
N LEU B 201 -4.68 -17.53 -27.86
CA LEU B 201 -5.32 -17.99 -26.63
C LEU B 201 -6.56 -18.83 -26.91
N LEU B 202 -7.09 -18.73 -28.13
CA LEU B 202 -8.26 -19.50 -28.51
C LEU B 202 -7.84 -20.79 -29.24
N SER B 203 -6.56 -20.88 -29.57
CA SER B 203 -6.04 -21.98 -30.40
C SER B 203 -5.90 -23.30 -29.66
N GLY B 204 -5.81 -23.26 -28.33
CA GLY B 204 -5.68 -24.48 -27.56
C GLY B 204 -4.33 -25.14 -27.62
N ASP B 205 -3.36 -24.47 -28.25
CA ASP B 205 -1.99 -24.97 -28.32
C ASP B 205 -1.20 -24.48 -27.12
N HIS B 206 -1.02 -25.36 -26.13
CA HIS B 206 -0.34 -25.00 -24.88
C HIS B 206 1.04 -24.40 -25.09
N ALA B 207 1.85 -25.02 -25.94
CA ALA B 207 3.21 -24.55 -26.16
C ALA B 207 3.20 -23.14 -26.78
N LYS B 208 2.33 -22.93 -27.77
CA LYS B 208 2.23 -21.62 -28.39
C LYS B 208 1.69 -20.58 -27.40
N ILE B 209 0.71 -20.99 -26.58
CA ILE B 209 0.14 -20.14 -25.55
C ILE B 209 1.16 -19.81 -24.47
N ALA B 210 1.87 -20.82 -24.00
CA ALA B 210 2.93 -20.60 -23.01
C ALA B 210 3.98 -19.63 -23.56
N ALA B 211 4.33 -19.80 -24.84
CA ALA B 211 5.33 -18.94 -25.45
C ALA B 211 4.86 -17.50 -25.59
N TRP B 212 3.62 -17.32 -26.05
CA TRP B 212 3.07 -15.98 -26.23
C TRP B 212 3.00 -15.25 -24.89
N ARG B 213 2.56 -15.97 -23.86
CA ARG B 213 2.45 -15.38 -22.53
C ARG B 213 3.83 -15.02 -21.96
N ALA B 214 4.85 -15.83 -22.29
CA ALA B 214 6.20 -15.51 -21.86
C ALA B 214 6.65 -14.22 -22.53
N GLU B 215 6.42 -14.14 -23.84
CA GLU B 215 6.78 -12.95 -24.59
C GLU B 215 6.05 -11.71 -24.06
N GLN B 216 4.77 -11.84 -23.74
CA GLN B 216 4.01 -10.71 -23.22
C GLN B 216 4.57 -10.23 -21.89
N SER B 217 4.87 -11.18 -21.02
CA SER B 217 5.44 -10.91 -19.71
CA SER B 217 5.43 -10.89 -19.71
C SER B 217 6.80 -10.21 -19.80
N ARG B 218 7.65 -10.71 -20.70
CA ARG B 218 8.98 -10.11 -20.85
C ARG B 218 8.85 -8.69 -21.40
N GLN B 219 7.97 -8.52 -22.38
CA GLN B 219 7.71 -7.22 -22.98
C GLN B 219 7.16 -6.23 -21.94
N ARG B 220 6.26 -6.70 -21.10
CA ARG B 220 5.68 -5.86 -20.06
C ARG B 220 6.72 -5.50 -18.99
N THR B 221 7.58 -6.45 -18.66
CA THR B 221 8.59 -6.20 -17.64
C THR B 221 9.61 -5.17 -18.13
N ILE B 222 10.07 -5.30 -19.36
CA ILE B 222 10.97 -4.33 -19.98
C ILE B 222 10.40 -2.91 -19.95
N GLU B 223 9.14 -2.80 -20.34
CA GLU B 223 8.46 -1.51 -20.43
C GLU B 223 8.20 -0.87 -19.06
N ARG B 224 7.65 -1.66 -18.14
CA ARG B 224 7.19 -1.11 -16.88
C ARG B 224 8.15 -1.25 -15.71
N ARG B 225 8.92 -2.33 -15.68
CA ARG B 225 9.81 -2.58 -14.56
C ARG B 225 11.18 -3.06 -15.04
N PRO B 226 11.89 -2.21 -15.80
CA PRO B 226 13.16 -2.66 -16.39
C PRO B 226 14.17 -3.07 -15.32
N ASP B 227 14.00 -2.54 -14.11
CA ASP B 227 14.88 -2.87 -13.01
C ASP B 227 14.84 -4.36 -12.67
N LEU B 228 13.67 -5.00 -12.83
CA LEU B 228 13.55 -6.42 -12.51
C LEU B 228 14.42 -7.32 -13.40
N LEU B 229 14.80 -6.81 -14.57
CA LEU B 229 15.67 -7.55 -15.48
C LEU B 229 17.08 -6.96 -15.49
N GLY B 230 17.36 -6.08 -14.54
CA GLY B 230 18.70 -5.53 -14.41
C GLY B 230 19.01 -4.39 -15.36
N PHE B 231 18.00 -3.59 -15.69
CA PHE B 231 18.24 -2.42 -16.51
C PHE B 231 17.95 -1.12 -15.77
N ASP B 232 18.44 -0.01 -16.29
CA ASP B 232 18.24 1.30 -15.68
C ASP B 232 16.76 1.67 -15.62
N SER B 233 16.38 2.31 -14.52
CA SER B 233 15.02 2.83 -14.34
C SER B 233 14.85 4.12 -15.13
N PRO B 234 13.62 4.39 -15.60
CA PRO B 234 13.32 5.58 -16.41
C PRO B 234 13.64 6.90 -15.70
#